data_3RFB
#
_entry.id   3RFB
#
_cell.length_a   101.242
_cell.length_b   101.242
_cell.length_c   69.908
_cell.angle_alpha   90.00
_cell.angle_beta   90.00
_cell.angle_gamma   120.00
#
_symmetry.space_group_name_H-M   'P 31 2 1'
#
loop_
_entity.id
_entity.type
_entity.pdbx_description
1 polymer 'Putative uncharacterized protein'
2 non-polymer 'METHIONINE SULFOXIDE'
3 water water
#
_entity_poly.entity_id   1
_entity_poly.type   'polypeptide(L)'
_entity_poly.pdbx_seq_one_letter_code
;HHHHHHMLKSEKQSRYQMLNEELSFLLEGETNVLANLSNASALIKSRFPNTVFAGFYLFDGKELVLGPFQGGVSCIRIAL
GKGVCGEAAHFQETVIVGDVTTYLNYISCDSLAKSEIVVPMMKNGQLLGVLDLDSSEIEDYDAMDRDYLEQFVAILLEKT
TWDFTMFEEKS
;
_entity_poly.pdbx_strand_id   A,B
#
# COMPACT_ATOMS: atom_id res chain seq x y z
N SER A 10 -29.64 -3.66 6.72
CA SER A 10 -28.49 -3.82 7.66
C SER A 10 -27.67 -5.05 7.31
N GLU A 11 -27.77 -5.51 6.07
CA GLU A 11 -27.03 -6.68 5.65
C GLU A 11 -25.58 -6.35 5.36
N LYS A 12 -24.92 -5.78 6.36
CA LYS A 12 -23.53 -5.41 6.27
C LYS A 12 -22.74 -6.66 6.59
N GLN A 13 -23.44 -7.69 7.06
CA GLN A 13 -22.83 -8.95 7.43
C GLN A 13 -22.34 -9.77 6.24
N SER A 14 -23.21 -10.02 5.27
CA SER A 14 -22.82 -10.80 4.10
C SER A 14 -21.62 -10.12 3.48
N ARG A 15 -21.68 -8.79 3.44
CA ARG A 15 -20.60 -7.98 2.90
C ARG A 15 -19.29 -8.38 3.59
N TYR A 16 -19.33 -8.38 4.92
CA TYR A 16 -18.17 -8.76 5.71
C TYR A 16 -17.85 -10.26 5.66
N GLN A 17 -18.86 -11.10 5.44
CA GLN A 17 -18.62 -12.53 5.35
C GLN A 17 -17.90 -12.78 4.04
N MET A 18 -18.46 -12.26 2.96
CA MET A 18 -17.86 -12.41 1.64
C MET A 18 -16.42 -11.89 1.71
N LEU A 19 -16.24 -10.80 2.47
CA LEU A 19 -14.92 -10.21 2.65
C LEU A 19 -13.93 -11.12 3.35
N ASN A 20 -14.31 -11.63 4.52
CA ASN A 20 -13.43 -12.50 5.30
C ASN A 20 -13.20 -13.85 4.64
N GLU A 21 -14.15 -14.31 3.84
CA GLU A 21 -13.98 -15.57 3.13
C GLU A 21 -13.02 -15.28 2.00
N GLU A 22 -13.14 -14.08 1.40
CA GLU A 22 -12.26 -13.66 0.33
C GLU A 22 -10.84 -13.60 0.85
N LEU A 23 -10.70 -13.09 2.08
CA LEU A 23 -9.39 -12.96 2.72
C LEU A 23 -8.64 -14.27 2.93
N SER A 24 -9.32 -15.28 3.46
CA SER A 24 -8.70 -16.58 3.69
C SER A 24 -8.16 -17.13 2.38
N PHE A 25 -8.96 -17.00 1.33
CA PHE A 25 -8.58 -17.47 0.00
C PHE A 25 -7.26 -16.86 -0.50
N LEU A 26 -7.07 -15.56 -0.26
CA LEU A 26 -5.85 -14.86 -0.69
C LEU A 26 -4.61 -15.25 0.10
N LEU A 27 -4.79 -15.53 1.39
CA LEU A 27 -3.66 -15.89 2.24
C LEU A 27 -3.43 -17.39 2.16
N GLU A 28 -4.30 -18.07 1.42
CA GLU A 28 -4.21 -19.51 1.25
C GLU A 28 -2.91 -19.85 0.52
N GLY A 29 -1.94 -20.35 1.28
CA GLY A 29 -0.67 -20.70 0.70
C GLY A 29 0.21 -19.48 0.50
N GLU A 30 0.06 -18.48 1.36
CA GLU A 30 0.86 -17.25 1.26
C GLU A 30 1.02 -16.61 2.63
N THR A 31 2.24 -16.63 3.14
CA THR A 31 2.48 -16.07 4.46
C THR A 31 3.34 -14.81 4.50
N ASN A 32 3.66 -14.23 3.34
CA ASN A 32 4.48 -13.03 3.33
C ASN A 32 3.73 -11.85 3.93
N VAL A 33 4.30 -11.27 4.98
CA VAL A 33 3.69 -10.14 5.66
C VAL A 33 3.35 -8.97 4.74
N LEU A 34 4.28 -8.64 3.84
CA LEU A 34 4.10 -7.54 2.89
C LEU A 34 3.00 -7.80 1.88
N ALA A 35 3.06 -8.94 1.22
CA ALA A 35 2.05 -9.27 0.21
C ALA A 35 0.68 -9.30 0.87
N ASN A 36 0.61 -9.94 2.04
CA ASN A 36 -0.66 -10.08 2.76
C ASN A 36 -1.27 -8.76 3.26
N LEU A 37 -0.48 -7.94 3.94
CA LEU A 37 -1.00 -6.67 4.44
C LEU A 37 -1.43 -5.77 3.29
N SER A 38 -0.66 -5.78 2.21
CA SER A 38 -0.97 -4.94 1.06
C SER A 38 -2.28 -5.31 0.40
N ASN A 39 -2.51 -6.59 0.12
CA ASN A 39 -3.77 -6.97 -0.51
C ASN A 39 -4.96 -6.83 0.45
N ALA A 40 -4.71 -6.95 1.75
CA ALA A 40 -5.77 -6.82 2.75
C ALA A 40 -6.36 -5.42 2.68
N SER A 41 -5.52 -4.41 2.54
CA SER A 41 -6.00 -3.05 2.44
C SER A 41 -6.77 -2.89 1.13
N ALA A 42 -6.26 -3.50 0.07
CA ALA A 42 -6.90 -3.42 -1.24
C ALA A 42 -8.25 -4.09 -1.21
N LEU A 43 -8.33 -5.21 -0.51
CA LEU A 43 -9.56 -5.97 -0.41
C LEU A 43 -10.62 -5.15 0.34
N ILE A 44 -10.27 -4.66 1.52
CA ILE A 44 -11.22 -3.86 2.29
C ILE A 44 -11.72 -2.71 1.43
N LYS A 45 -10.78 -1.96 0.87
CA LYS A 45 -11.09 -0.80 0.01
C LYS A 45 -12.09 -1.07 -1.10
N SER A 46 -11.88 -2.15 -1.85
CA SER A 46 -12.75 -2.49 -2.95
C SER A 46 -14.09 -3.02 -2.50
N ARG A 47 -14.16 -3.47 -1.24
CA ARG A 47 -15.40 -4.03 -0.74
C ARG A 47 -16.29 -3.04 -0.03
N PHE A 48 -15.73 -1.93 0.46
CA PHE A 48 -16.49 -0.90 1.18
C PHE A 48 -16.36 0.48 0.53
N PRO A 49 -17.32 0.85 -0.33
CA PRO A 49 -17.34 2.12 -1.05
C PRO A 49 -17.00 3.43 -0.31
N ASN A 50 -17.56 3.64 0.88
CA ASN A 50 -17.29 4.88 1.64
C ASN A 50 -15.88 5.00 2.20
N THR A 51 -15.09 3.95 2.04
CA THR A 51 -13.74 3.94 2.54
C THR A 51 -12.85 5.02 1.92
N VAL A 52 -12.26 5.86 2.76
CA VAL A 52 -11.38 6.92 2.29
C VAL A 52 -9.94 6.48 2.52
N PHE A 53 -9.74 5.71 3.59
CA PHE A 53 -8.44 5.17 3.94
C PHE A 53 -8.64 3.77 4.52
N ALA A 54 -7.78 2.84 4.11
CA ALA A 54 -7.85 1.48 4.61
C ALA A 54 -6.43 0.92 4.57
N GLY A 55 -5.80 0.83 5.73
CA GLY A 55 -4.44 0.32 5.74
C GLY A 55 -3.91 0.10 7.13
N PHE A 56 -2.62 -0.14 7.22
CA PHE A 56 -1.98 -0.44 8.49
C PHE A 56 -0.93 0.55 8.95
N TYR A 57 -0.66 0.51 10.25
CA TYR A 57 0.35 1.33 10.90
C TYR A 57 1.09 0.31 11.76
N LEU A 58 2.34 0.03 11.44
CA LEU A 58 3.09 -0.94 12.21
C LEU A 58 3.90 -0.30 13.33
N PHE A 59 4.07 -1.05 14.42
CA PHE A 59 4.83 -0.58 15.57
C PHE A 59 6.30 -0.79 15.25
N ASP A 60 7.10 0.28 15.37
CA ASP A 60 8.53 0.19 15.09
C ASP A 60 9.37 -0.01 16.33
N GLY A 61 8.71 -0.02 17.48
CA GLY A 61 9.43 -0.21 18.73
C GLY A 61 8.98 0.80 19.77
N LYS A 62 8.55 1.98 19.33
CA LYS A 62 8.08 3.00 20.26
C LYS A 62 6.88 3.79 19.75
N GLU A 63 6.69 3.80 18.44
CA GLU A 63 5.55 4.50 17.87
C GLU A 63 4.97 3.78 16.65
N LEU A 64 3.83 4.29 16.16
CA LEU A 64 3.17 3.72 15.00
C LEU A 64 3.79 4.36 13.76
N VAL A 65 4.05 3.54 12.74
CA VAL A 65 4.63 4.04 11.50
C VAL A 65 3.80 3.55 10.31
N LEU A 66 3.41 4.48 9.45
CA LEU A 66 2.60 4.20 8.27
C LEU A 66 3.07 2.97 7.46
N GLY A 67 2.13 2.05 7.19
CA GLY A 67 2.44 0.86 6.41
C GLY A 67 1.52 0.75 5.21
N PRO A 68 1.46 -0.42 4.55
CA PRO A 68 0.62 -0.63 3.37
C PRO A 68 -0.80 -0.12 3.56
N PHE A 69 -1.21 0.83 2.73
CA PHE A 69 -2.55 1.37 2.85
C PHE A 69 -3.10 1.72 1.49
N GLN A 70 -4.39 2.05 1.48
CA GLN A 70 -5.14 2.42 0.32
C GLN A 70 -5.70 3.81 0.69
N GLY A 71 -5.35 4.84 -0.05
CA GLY A 71 -5.85 6.17 0.27
C GLY A 71 -4.94 7.24 -0.25
N GLY A 72 -5.09 8.45 0.28
CA GLY A 72 -4.26 9.55 -0.14
C GLY A 72 -2.99 9.56 0.69
N VAL A 73 -2.10 10.53 0.45
CA VAL A 73 -0.86 10.64 1.19
C VAL A 73 -1.24 10.85 2.66
N SER A 74 -0.66 10.05 3.55
CA SER A 74 -1.04 10.13 4.95
C SER A 74 0.08 10.36 5.94
N CYS A 75 -0.34 10.61 7.17
CA CYS A 75 0.55 10.86 8.29
C CYS A 75 1.54 9.73 8.38
N ILE A 76 2.78 10.04 8.71
CA ILE A 76 3.80 9.01 8.74
C ILE A 76 4.03 8.32 10.07
N ARG A 77 3.94 9.05 11.16
CA ARG A 77 4.19 8.43 12.45
C ARG A 77 3.16 8.90 13.48
N ILE A 78 2.69 7.95 14.27
CA ILE A 78 1.70 8.24 15.30
C ILE A 78 2.20 7.71 16.64
N ALA A 79 2.33 8.60 17.62
CA ALA A 79 2.80 8.21 18.94
C ALA A 79 1.71 7.40 19.63
N LEU A 80 2.11 6.52 20.53
CA LEU A 80 1.15 5.70 21.24
C LEU A 80 0.30 6.63 22.08
N GLY A 81 -0.99 6.37 22.14
CA GLY A 81 -1.88 7.22 22.92
C GLY A 81 -2.40 8.40 22.12
N LYS A 82 -1.78 8.71 21.00
CA LYS A 82 -2.22 9.82 20.17
C LYS A 82 -3.20 9.42 19.06
N GLY A 83 -4.23 10.24 18.88
CA GLY A 83 -5.22 9.98 17.86
C GLY A 83 -5.99 8.71 18.15
N VAL A 84 -6.82 8.32 17.20
CA VAL A 84 -7.60 7.11 17.34
C VAL A 84 -6.68 5.90 17.19
N CYS A 85 -5.62 6.04 16.39
CA CYS A 85 -4.68 4.95 16.18
C CYS A 85 -3.82 4.72 17.42
N GLY A 86 -3.38 5.80 18.05
CA GLY A 86 -2.57 5.70 19.25
C GLY A 86 -3.38 5.13 20.39
N GLU A 87 -4.65 5.51 20.45
CA GLU A 87 -5.57 5.02 21.46
C GLU A 87 -5.70 3.52 21.32
N ALA A 88 -6.18 3.08 20.16
CA ALA A 88 -6.34 1.66 19.91
C ALA A 88 -5.05 0.89 20.19
N ALA A 89 -3.91 1.46 19.83
CA ALA A 89 -2.63 0.81 20.06
C ALA A 89 -2.32 0.74 21.55
N HIS A 90 -2.40 1.88 22.22
CA HIS A 90 -2.12 1.94 23.65
C HIS A 90 -3.00 0.99 24.47
N PHE A 91 -4.32 1.08 24.29
CA PHE A 91 -5.26 0.22 25.03
C PHE A 91 -5.43 -1.16 24.39
N GLN A 92 -4.67 -1.43 23.32
CA GLN A 92 -4.77 -2.72 22.66
C GLN A 92 -6.21 -3.21 22.61
N GLU A 93 -7.10 -2.33 22.16
CA GLU A 93 -8.54 -2.62 22.04
C GLU A 93 -9.05 -1.81 20.86
N THR A 94 -9.99 -2.37 20.11
CA THR A 94 -10.53 -1.68 18.95
C THR A 94 -11.34 -0.44 19.35
N VAL A 95 -11.02 0.70 18.73
CA VAL A 95 -11.69 1.96 19.02
C VAL A 95 -12.56 2.42 17.87
N ILE A 96 -13.67 3.09 18.20
CA ILE A 96 -14.62 3.56 17.18
C ILE A 96 -15.00 5.02 17.41
N VAL A 97 -15.01 5.80 16.34
CA VAL A 97 -15.38 7.20 16.41
C VAL A 97 -16.49 7.46 15.41
N GLY A 98 -17.66 7.89 15.92
CA GLY A 98 -18.80 8.15 15.06
C GLY A 98 -18.71 9.50 14.37
N ASP A 99 -18.13 10.47 15.06
CA ASP A 99 -17.98 11.80 14.49
C ASP A 99 -16.56 12.28 14.74
N VAL A 100 -15.72 12.08 13.73
CA VAL A 100 -14.31 12.45 13.77
C VAL A 100 -14.03 13.93 14.06
N THR A 101 -14.99 14.80 13.77
CA THR A 101 -14.78 16.24 14.01
C THR A 101 -14.94 16.68 15.46
N THR A 102 -15.86 16.05 16.19
CA THR A 102 -16.09 16.40 17.59
C THR A 102 -15.33 15.47 18.55
N TYR A 103 -14.37 14.74 18.00
CA TYR A 103 -13.56 13.82 18.82
C TYR A 103 -12.25 14.54 19.08
N LEU A 104 -11.99 14.88 20.35
CA LEU A 104 -10.79 15.60 20.72
C LEU A 104 -9.46 14.97 20.32
N ASN A 105 -9.23 13.73 20.71
CA ASN A 105 -7.97 13.06 20.39
C ASN A 105 -7.99 12.41 18.99
N TYR A 106 -8.16 13.23 17.95
CA TYR A 106 -8.20 12.74 16.57
C TYR A 106 -7.13 13.41 15.71
N ILE A 107 -6.42 12.59 14.93
CA ILE A 107 -5.38 13.08 14.04
C ILE A 107 -5.87 13.04 12.59
N SER A 108 -6.00 14.22 11.99
CA SER A 108 -6.46 14.31 10.61
C SER A 108 -5.32 14.16 9.60
N CYS A 109 -5.56 13.31 8.59
CA CYS A 109 -4.57 13.06 7.54
C CYS A 109 -5.36 13.11 6.23
N ASP A 110 -6.69 13.17 6.37
CA ASP A 110 -7.61 13.27 5.24
C ASP A 110 -8.81 14.09 5.68
N SER A 111 -9.07 15.18 4.96
CA SER A 111 -10.18 16.07 5.28
C SER A 111 -11.56 15.49 4.95
N LEU A 112 -11.60 14.42 4.17
CA LEU A 112 -12.89 13.84 3.81
C LEU A 112 -13.38 12.75 4.77
N ALA A 113 -12.56 12.41 5.76
CA ALA A 113 -12.93 11.39 6.75
C ALA A 113 -13.86 11.94 7.84
N LYS A 114 -15.02 11.30 8.02
CA LYS A 114 -15.98 11.72 9.03
C LYS A 114 -16.12 10.75 10.21
N SER A 115 -15.80 9.48 9.99
CA SER A 115 -15.86 8.48 11.05
C SER A 115 -14.70 7.51 10.87
N GLU A 116 -14.30 6.84 11.94
CA GLU A 116 -13.16 5.95 11.87
C GLU A 116 -13.18 4.80 12.86
N ILE A 117 -12.56 3.67 12.46
CA ILE A 117 -12.45 2.51 13.33
C ILE A 117 -11.03 1.94 13.21
N VAL A 118 -10.39 1.74 14.35
CA VAL A 118 -9.04 1.20 14.40
C VAL A 118 -9.10 -0.09 15.19
N VAL A 119 -8.50 -1.15 14.65
CA VAL A 119 -8.49 -2.45 15.31
C VAL A 119 -7.04 -2.88 15.51
N PRO A 120 -6.63 -3.08 16.78
CA PRO A 120 -5.25 -3.49 17.09
C PRO A 120 -4.88 -4.89 16.60
N MET A 121 -3.58 -5.11 16.44
CA MET A 121 -3.05 -6.40 15.99
C MET A 121 -2.05 -6.90 17.03
N MET A 122 -2.45 -7.92 17.78
CA MET A 122 -1.60 -8.47 18.82
C MET A 122 -1.10 -9.85 18.48
N LYS A 123 0.07 -10.19 19.01
CA LYS A 123 0.63 -11.51 18.80
C LYS A 123 1.64 -11.75 19.92
N ASN A 124 1.39 -12.80 20.71
CA ASN A 124 2.24 -13.17 21.83
C ASN A 124 2.41 -12.01 22.79
N GLY A 125 1.30 -11.33 23.07
CA GLY A 125 1.34 -10.19 23.99
C GLY A 125 2.17 -9.06 23.45
N GLN A 126 2.21 -8.94 22.13
CA GLN A 126 2.98 -7.90 21.48
C GLN A 126 2.10 -7.14 20.49
N LEU A 127 2.31 -5.83 20.41
CA LEU A 127 1.57 -4.98 19.49
C LEU A 127 2.30 -5.02 18.17
N LEU A 128 1.65 -5.55 17.14
CA LEU A 128 2.29 -5.60 15.83
C LEU A 128 1.97 -4.31 15.08
N GLY A 129 0.76 -3.80 15.29
CA GLY A 129 0.34 -2.57 14.66
C GLY A 129 -1.17 -2.44 14.74
N VAL A 130 -1.75 -1.75 13.77
CA VAL A 130 -3.20 -1.57 13.78
C VAL A 130 -3.73 -1.45 12.36
N LEU A 131 -4.99 -1.84 12.20
CA LEU A 131 -5.70 -1.76 10.94
C LEU A 131 -6.60 -0.54 11.13
N ASP A 132 -6.41 0.47 10.27
CA ASP A 132 -7.19 1.70 10.37
C ASP A 132 -8.10 1.95 9.17
N LEU A 133 -9.38 2.19 9.43
CA LEU A 133 -10.33 2.47 8.36
C LEU A 133 -11.01 3.81 8.61
N ASP A 134 -11.08 4.62 7.56
CA ASP A 134 -11.73 5.91 7.61
C ASP A 134 -12.85 5.91 6.58
N SER A 135 -13.97 6.51 6.97
CA SER A 135 -15.14 6.58 6.10
C SER A 135 -15.47 8.03 5.81
N SER A 136 -16.13 8.29 4.68
CA SER A 136 -16.50 9.65 4.35
C SER A 136 -17.87 9.96 4.96
N GLU A 137 -18.48 8.95 5.59
CA GLU A 137 -19.80 9.07 6.22
C GLU A 137 -19.69 9.04 7.74
N ILE A 138 -20.58 9.77 8.43
CA ILE A 138 -20.59 9.80 9.90
C ILE A 138 -21.11 8.49 10.50
N GLU A 139 -20.60 8.16 11.68
CA GLU A 139 -21.00 6.94 12.38
C GLU A 139 -21.30 5.84 11.40
N ASP A 140 -20.30 5.52 10.58
CA ASP A 140 -20.40 4.50 9.54
C ASP A 140 -19.87 3.16 10.04
N TYR A 141 -19.40 3.15 11.30
CA TYR A 141 -18.85 1.95 11.94
C TYR A 141 -19.49 1.73 13.30
N ASP A 142 -20.01 0.53 13.53
CA ASP A 142 -20.66 0.19 14.80
C ASP A 142 -20.05 -1.09 15.38
N ALA A 143 -20.75 -1.76 16.29
CA ALA A 143 -20.21 -2.97 16.89
C ALA A 143 -20.10 -4.13 15.90
N MET A 144 -20.81 -4.01 14.79
CA MET A 144 -20.78 -5.05 13.77
C MET A 144 -19.45 -5.00 13.05
N ASP A 145 -18.94 -3.80 12.83
CA ASP A 145 -17.66 -3.63 12.16
C ASP A 145 -16.56 -4.15 13.07
N ARG A 146 -16.65 -3.86 14.36
CA ARG A 146 -15.64 -4.32 15.31
C ARG A 146 -15.55 -5.84 15.35
N ASP A 147 -16.70 -6.52 15.29
CA ASP A 147 -16.73 -7.96 15.32
C ASP A 147 -16.08 -8.56 14.08
N TYR A 148 -16.62 -8.18 12.92
CA TYR A 148 -16.10 -8.69 11.65
C TYR A 148 -14.67 -8.28 11.32
N LEU A 149 -14.25 -7.08 11.75
CA LEU A 149 -12.89 -6.62 11.46
C LEU A 149 -11.89 -7.28 12.39
N GLU A 150 -12.32 -7.64 13.60
CA GLU A 150 -11.44 -8.32 14.53
C GLU A 150 -11.32 -9.75 14.06
N GLN A 151 -12.33 -10.17 13.31
CA GLN A 151 -12.40 -11.51 12.77
C GLN A 151 -11.49 -11.55 11.54
N PHE A 152 -11.34 -10.39 10.90
CA PHE A 152 -10.51 -10.19 9.72
C PHE A 152 -9.06 -10.24 10.17
N VAL A 153 -8.78 -9.48 11.22
CA VAL A 153 -7.44 -9.43 11.74
C VAL A 153 -6.96 -10.78 12.24
N ALA A 154 -7.83 -11.51 12.94
CA ALA A 154 -7.48 -12.82 13.48
C ALA A 154 -7.02 -13.74 12.36
N ILE A 155 -7.80 -13.79 11.30
CA ILE A 155 -7.49 -14.62 10.14
C ILE A 155 -6.21 -14.17 9.46
N LEU A 156 -6.03 -12.86 9.39
CA LEU A 156 -4.85 -12.27 8.76
C LEU A 156 -3.60 -12.62 9.53
N LEU A 157 -3.67 -12.55 10.86
CA LEU A 157 -2.50 -12.84 11.67
C LEU A 157 -2.13 -14.32 11.84
N GLU A 158 -3.08 -15.24 11.61
CA GLU A 158 -2.74 -16.65 11.74
C GLU A 158 -2.21 -17.26 10.44
N LYS A 159 -2.48 -16.60 9.32
CA LYS A 159 -2.02 -17.09 8.02
C LYS A 159 -0.85 -16.25 7.49
N THR A 160 -0.38 -15.31 8.31
CA THR A 160 0.73 -14.43 7.94
C THR A 160 1.88 -14.56 8.91
N THR A 161 3.09 -14.75 8.36
CA THR A 161 4.28 -14.87 9.19
C THR A 161 4.96 -13.50 9.28
N TRP A 162 4.94 -12.90 10.47
CA TRP A 162 5.55 -11.60 10.68
C TRP A 162 7.05 -11.73 10.49
N ASP A 163 7.47 -11.72 9.23
CA ASP A 163 8.87 -11.88 8.87
C ASP A 163 9.18 -11.04 7.63
N PHE A 164 10.11 -10.09 7.79
CA PHE A 164 10.53 -9.19 6.72
C PHE A 164 11.91 -9.56 6.17
N THR A 165 12.67 -10.30 6.96
CA THR A 165 14.01 -10.77 6.61
C THR A 165 14.29 -11.02 5.12
N MET A 166 13.29 -11.48 4.35
CA MET A 166 13.51 -11.74 2.94
C MET A 166 13.61 -10.50 2.04
N PHE A 167 13.45 -9.32 2.64
CA PHE A 167 13.50 -8.06 1.90
C PHE A 167 14.71 -7.23 2.33
N GLU A 168 15.26 -7.55 3.51
CA GLU A 168 16.40 -6.84 4.07
C GLU A 168 17.63 -6.82 3.17
N GLU A 169 18.61 -6.03 3.58
CA GLU A 169 19.87 -5.90 2.85
C GLU A 169 19.74 -4.99 1.63
N MET B 7 -3.48 13.06 -21.97
CA MET B 7 -2.85 14.21 -21.25
C MET B 7 -1.74 14.83 -22.10
N LEU B 8 -1.81 16.14 -22.28
CA LEU B 8 -0.82 16.84 -23.09
C LEU B 8 0.59 16.62 -22.58
N LYS B 9 1.56 16.65 -23.49
CA LYS B 9 2.95 16.44 -23.14
C LYS B 9 3.50 17.48 -22.17
N SER B 10 3.09 18.74 -22.38
CA SER B 10 3.55 19.83 -21.53
C SER B 10 2.96 19.70 -20.13
N GLU B 11 1.73 19.19 -20.03
CA GLU B 11 1.12 19.03 -18.72
C GLU B 11 1.65 17.76 -18.06
N LYS B 12 1.94 16.73 -18.84
CA LYS B 12 2.49 15.51 -18.26
C LYS B 12 3.82 15.90 -17.62
N GLN B 13 4.63 16.63 -18.38
CA GLN B 13 5.92 17.08 -17.90
C GLN B 13 5.80 17.91 -16.62
N SER B 14 4.79 18.77 -16.57
CA SER B 14 4.59 19.61 -15.40
C SER B 14 4.15 18.78 -14.21
N ARG B 15 3.21 17.86 -14.44
CA ARG B 15 2.69 17.00 -13.38
C ARG B 15 3.84 16.22 -12.74
N TYR B 16 4.75 15.71 -13.57
CA TYR B 16 5.91 14.99 -13.07
C TYR B 16 6.88 15.88 -12.33
N GLN B 17 6.96 17.15 -12.70
CA GLN B 17 7.88 18.02 -11.98
C GLN B 17 7.37 18.23 -10.57
N MET B 18 6.07 18.45 -10.42
CA MET B 18 5.53 18.62 -9.07
C MET B 18 5.54 17.28 -8.34
N LEU B 19 5.42 16.18 -9.07
CA LEU B 19 5.44 14.86 -8.43
C LEU B 19 6.76 14.60 -7.70
N ASN B 20 7.86 14.73 -8.43
CA ASN B 20 9.19 14.48 -7.89
C ASN B 20 9.64 15.47 -6.84
N GLU B 21 9.11 16.68 -6.90
CA GLU B 21 9.46 17.68 -5.91
C GLU B 21 8.73 17.31 -4.63
N GLU B 22 7.44 17.01 -4.75
CA GLU B 22 6.66 16.66 -3.58
C GLU B 22 7.20 15.44 -2.85
N LEU B 23 7.77 14.49 -3.60
CA LEU B 23 8.34 13.30 -3.00
C LEU B 23 9.52 13.71 -2.14
N SER B 24 10.31 14.66 -2.64
CA SER B 24 11.47 15.13 -1.89
C SER B 24 11.03 15.85 -0.62
N PHE B 25 9.94 16.61 -0.73
CA PHE B 25 9.40 17.33 0.41
C PHE B 25 8.83 16.33 1.40
N LEU B 26 8.14 15.31 0.90
CA LEU B 26 7.55 14.31 1.78
C LEU B 26 8.62 13.52 2.53
N LEU B 27 9.62 13.03 1.80
CA LEU B 27 10.68 12.23 2.41
C LEU B 27 11.73 13.03 3.18
N GLU B 28 11.66 14.35 3.11
CA GLU B 28 12.64 15.14 3.85
C GLU B 28 12.53 14.76 5.32
N GLY B 29 13.59 14.16 5.86
CA GLY B 29 13.60 13.77 7.26
C GLY B 29 12.94 12.44 7.60
N GLU B 30 12.68 11.61 6.60
CA GLU B 30 12.04 10.32 6.84
C GLU B 30 12.72 9.26 5.98
N THR B 31 13.31 8.27 6.65
CA THR B 31 14.03 7.19 5.97
C THR B 31 13.35 5.81 5.95
N ASN B 32 12.26 5.67 6.71
CA ASN B 32 11.56 4.39 6.78
C ASN B 32 11.05 3.87 5.45
N VAL B 33 11.60 2.75 4.99
CA VAL B 33 11.18 2.17 3.71
C VAL B 33 9.71 1.84 3.60
N LEU B 34 9.09 1.50 4.72
CA LEU B 34 7.67 1.16 4.72
C LEU B 34 6.77 2.37 4.53
N ALA B 35 7.06 3.45 5.25
CA ALA B 35 6.25 4.67 5.16
C ALA B 35 6.54 5.34 3.82
N ASN B 36 7.79 5.27 3.39
CA ASN B 36 8.18 5.88 2.12
C ASN B 36 7.56 5.15 0.93
N LEU B 37 7.72 3.84 0.89
CA LEU B 37 7.15 3.07 -0.21
C LEU B 37 5.65 3.24 -0.27
N SER B 38 5.03 3.29 0.90
CA SER B 38 3.59 3.42 0.95
C SER B 38 3.12 4.76 0.46
N ASN B 39 3.59 5.84 1.07
CA ASN B 39 3.14 7.16 0.64
C ASN B 39 3.52 7.45 -0.81
N ALA B 40 4.63 6.86 -1.27
CA ALA B 40 5.07 7.07 -2.64
C ALA B 40 3.98 6.63 -3.60
N SER B 41 3.41 5.45 -3.34
CA SER B 41 2.35 4.95 -4.20
C SER B 41 1.11 5.85 -4.08
N ALA B 42 0.83 6.33 -2.87
CA ALA B 42 -0.32 7.21 -2.66
C ALA B 42 -0.07 8.48 -3.45
N LEU B 43 1.14 9.00 -3.40
CA LEU B 43 1.48 10.22 -4.14
C LEU B 43 1.27 10.07 -5.67
N ILE B 44 1.89 9.07 -6.28
CA ILE B 44 1.73 8.83 -7.71
C ILE B 44 0.26 8.74 -8.10
N LYS B 45 -0.49 7.95 -7.34
CA LYS B 45 -1.91 7.77 -7.62
C LYS B 45 -2.69 9.10 -7.60
N SER B 46 -2.25 10.05 -6.77
CA SER B 46 -2.95 11.34 -6.67
C SER B 46 -2.63 12.31 -7.79
N ARG B 47 -1.57 12.02 -8.56
CA ARG B 47 -1.14 12.88 -9.66
C ARG B 47 -1.54 12.38 -11.03
N PHE B 48 -1.87 11.11 -11.13
CA PHE B 48 -2.24 10.54 -12.42
C PHE B 48 -3.52 9.74 -12.28
N PRO B 49 -4.63 10.34 -12.69
CA PRO B 49 -5.99 9.79 -12.66
C PRO B 49 -6.21 8.49 -13.44
N ASN B 50 -5.54 8.33 -14.58
CA ASN B 50 -5.70 7.09 -15.36
C ASN B 50 -5.06 5.92 -14.63
N THR B 51 -4.28 6.21 -13.60
CA THR B 51 -3.61 5.13 -12.88
C THR B 51 -4.64 4.19 -12.28
N VAL B 52 -4.47 2.91 -12.61
CA VAL B 52 -5.37 1.87 -12.12
C VAL B 52 -4.57 1.02 -11.12
N PHE B 53 -3.25 1.23 -11.10
CA PHE B 53 -2.35 0.56 -10.17
C PHE B 53 -1.02 1.30 -10.11
N ALA B 54 -0.60 1.62 -8.89
CA ALA B 54 0.66 2.31 -8.67
C ALA B 54 1.22 1.66 -7.42
N GLY B 55 2.39 1.04 -7.54
CA GLY B 55 2.95 0.40 -6.38
C GLY B 55 4.20 -0.38 -6.62
N PHE B 56 4.66 -1.05 -5.59
CA PHE B 56 5.89 -1.80 -5.64
C PHE B 56 5.73 -3.30 -5.58
N TYR B 57 6.83 -3.97 -5.92
CA TYR B 57 6.95 -5.42 -5.92
C TYR B 57 8.39 -5.57 -5.51
N LEU B 58 8.63 -6.03 -4.29
CA LEU B 58 9.99 -6.19 -3.79
C LEU B 58 10.56 -7.60 -4.05
N PHE B 59 11.88 -7.68 -4.04
CA PHE B 59 12.61 -8.92 -4.29
C PHE B 59 12.88 -9.66 -2.98
N ASP B 60 12.22 -10.81 -2.83
CA ASP B 60 12.37 -11.64 -1.62
C ASP B 60 13.63 -12.47 -1.67
N GLY B 61 14.48 -12.18 -2.64
CA GLY B 61 15.73 -12.91 -2.78
C GLY B 61 15.67 -13.90 -3.94
N LYS B 62 14.47 -14.39 -4.26
CA LYS B 62 14.32 -15.34 -5.36
C LYS B 62 13.29 -14.91 -6.39
N GLU B 63 12.36 -14.05 -5.99
CA GLU B 63 11.33 -13.55 -6.91
C GLU B 63 10.77 -12.20 -6.48
N LEU B 64 9.67 -11.81 -7.10
CA LEU B 64 9.04 -10.52 -6.77
C LEU B 64 7.74 -10.75 -6.02
N VAL B 65 7.64 -10.17 -4.82
CA VAL B 65 6.42 -10.30 -4.03
C VAL B 65 5.80 -8.92 -3.84
N LEU B 66 4.48 -8.85 -3.96
CA LEU B 66 3.73 -7.60 -3.82
C LEU B 66 4.12 -6.74 -2.62
N GLY B 67 4.31 -5.45 -2.87
CA GLY B 67 4.67 -4.53 -1.81
C GLY B 67 3.64 -3.43 -1.74
N PRO B 68 3.85 -2.37 -0.93
CA PRO B 68 2.89 -1.27 -0.81
C PRO B 68 2.43 -0.78 -2.18
N PHE B 69 1.12 -0.68 -2.36
CA PHE B 69 0.62 -0.21 -3.63
C PHE B 69 -0.75 0.42 -3.50
N GLN B 70 -1.16 1.03 -4.60
CA GLN B 70 -2.45 1.70 -4.70
C GLN B 70 -3.22 0.99 -5.81
N GLY B 71 -4.40 0.48 -5.49
CA GLY B 71 -5.21 -0.20 -6.48
C GLY B 71 -5.97 -1.37 -5.90
N GLY B 72 -6.60 -2.16 -6.77
CA GLY B 72 -7.35 -3.32 -6.34
C GLY B 72 -6.45 -4.50 -6.02
N VAL B 73 -7.03 -5.58 -5.50
CA VAL B 73 -6.26 -6.78 -5.13
C VAL B 73 -5.44 -7.14 -6.36
N SER B 74 -4.15 -7.39 -6.13
CA SER B 74 -3.23 -7.69 -7.23
C SER B 74 -2.41 -8.97 -7.10
N CYS B 75 -1.65 -9.26 -8.15
CA CYS B 75 -0.76 -10.42 -8.19
C CYS B 75 0.09 -10.43 -6.95
N ILE B 76 0.30 -11.61 -6.37
CA ILE B 76 1.08 -11.72 -5.14
C ILE B 76 2.57 -11.89 -5.41
N ARG B 77 2.93 -12.96 -6.11
CA ARG B 77 4.32 -13.23 -6.43
C ARG B 77 4.51 -13.23 -7.95
N ILE B 78 5.74 -12.94 -8.38
CA ILE B 78 6.07 -12.90 -9.81
C ILE B 78 7.51 -13.35 -10.03
N ALA B 79 7.68 -14.39 -10.83
CA ALA B 79 9.01 -14.92 -11.14
C ALA B 79 9.66 -14.07 -12.22
N LEU B 80 10.97 -13.89 -12.09
CA LEU B 80 11.74 -13.10 -13.05
C LEU B 80 11.47 -13.56 -14.48
N GLY B 81 11.73 -12.68 -15.44
CA GLY B 81 11.52 -13.02 -16.84
C GLY B 81 10.05 -13.05 -17.24
N LYS B 82 9.19 -13.51 -16.32
CA LYS B 82 7.76 -13.59 -16.58
C LYS B 82 7.02 -12.29 -16.31
N GLY B 83 6.06 -11.96 -17.18
CA GLY B 83 5.30 -10.73 -17.01
C GLY B 83 6.10 -9.47 -17.23
N VAL B 84 5.42 -8.35 -17.46
CA VAL B 84 6.10 -7.08 -17.68
C VAL B 84 7.03 -6.78 -16.51
N CYS B 85 6.56 -7.05 -15.29
CA CYS B 85 7.35 -6.81 -14.08
C CYS B 85 8.54 -7.76 -14.03
N GLY B 86 8.32 -8.99 -14.48
CA GLY B 86 9.37 -9.98 -14.49
C GLY B 86 10.47 -9.63 -15.47
N GLU B 87 10.07 -9.09 -16.62
CA GLU B 87 11.03 -8.69 -17.64
C GLU B 87 11.92 -7.59 -17.08
N ALA B 88 11.29 -6.56 -16.52
CA ALA B 88 12.00 -5.43 -15.95
C ALA B 88 13.02 -5.84 -14.88
N ALA B 89 12.58 -6.68 -13.96
CA ALA B 89 13.47 -7.14 -12.90
C ALA B 89 14.66 -7.89 -13.48
N HIS B 90 14.42 -8.65 -14.55
CA HIS B 90 15.48 -9.42 -15.19
C HIS B 90 16.59 -8.56 -15.79
N PHE B 91 16.26 -7.81 -16.85
CA PHE B 91 17.26 -6.96 -17.50
C PHE B 91 17.69 -5.80 -16.60
N GLN B 92 16.79 -5.38 -15.71
CA GLN B 92 17.05 -4.27 -14.79
C GLN B 92 17.03 -2.95 -15.58
N GLU B 93 15.98 -2.80 -16.38
CA GLU B 93 15.76 -1.62 -17.21
C GLU B 93 14.24 -1.38 -17.31
N THR B 94 13.85 -0.12 -17.48
CA THR B 94 12.44 0.21 -17.59
C THR B 94 11.81 -0.52 -18.77
N VAL B 95 10.55 -0.90 -18.64
CA VAL B 95 9.85 -1.59 -19.72
C VAL B 95 8.47 -0.99 -19.89
N ILE B 96 8.17 -0.54 -21.11
CA ILE B 96 6.88 0.07 -21.39
C ILE B 96 6.05 -0.80 -22.33
N VAL B 97 4.74 -0.76 -22.18
CA VAL B 97 3.83 -1.55 -23.00
C VAL B 97 2.65 -0.71 -23.49
N GLY B 98 2.69 -0.32 -24.76
CA GLY B 98 1.60 0.48 -25.30
C GLY B 98 0.26 -0.21 -25.14
N ASP B 99 0.14 -1.39 -25.74
CA ASP B 99 -1.09 -2.17 -25.63
C ASP B 99 -0.75 -3.44 -24.90
N VAL B 100 -1.47 -3.68 -23.81
CA VAL B 100 -1.25 -4.83 -22.97
C VAL B 100 -2.04 -6.04 -23.47
N THR B 101 -3.10 -5.78 -24.23
CA THR B 101 -3.96 -6.84 -24.78
C THR B 101 -3.34 -7.59 -25.97
N THR B 102 -2.34 -6.98 -26.61
CA THR B 102 -1.68 -7.61 -27.74
C THR B 102 -0.24 -7.94 -27.36
N TYR B 103 0.08 -7.81 -26.08
CA TYR B 103 1.42 -8.10 -25.61
C TYR B 103 1.50 -9.59 -25.28
N LEU B 104 2.66 -10.18 -25.56
CA LEU B 104 2.89 -11.60 -25.36
C LEU B 104 3.21 -12.06 -23.93
N ASN B 105 4.08 -11.34 -23.22
CA ASN B 105 4.45 -11.73 -21.86
C ASN B 105 3.90 -10.80 -20.77
N TYR B 106 2.57 -10.70 -20.70
CA TYR B 106 1.89 -9.85 -19.72
C TYR B 106 1.02 -10.65 -18.75
N ILE B 107 1.40 -10.64 -17.47
CA ILE B 107 0.65 -11.35 -16.43
C ILE B 107 -0.55 -10.51 -15.99
N SER B 108 -1.73 -10.85 -16.53
CA SER B 108 -2.94 -10.12 -16.22
C SER B 108 -3.59 -10.49 -14.90
N CYS B 109 -3.47 -9.60 -13.92
CA CYS B 109 -4.09 -9.83 -12.62
C CYS B 109 -5.31 -8.93 -12.49
N ASP B 110 -6.20 -9.07 -13.47
CA ASP B 110 -7.43 -8.30 -13.57
C ASP B 110 -7.19 -6.85 -14.00
N SER B 111 -7.83 -5.93 -13.28
CA SER B 111 -7.71 -4.49 -13.57
C SER B 111 -8.13 -4.20 -15.01
N LEU B 112 -8.37 -2.93 -15.28
CA LEU B 112 -8.76 -2.51 -16.61
C LEU B 112 -7.53 -1.90 -17.29
N ALA B 113 -6.36 -2.39 -16.88
CA ALA B 113 -5.09 -1.91 -17.41
C ALA B 113 -4.95 -2.13 -18.91
N LYS B 114 -4.71 -1.04 -19.64
CA LYS B 114 -4.54 -1.13 -21.08
C LYS B 114 -3.08 -0.90 -21.48
N SER B 115 -2.34 -0.17 -20.64
CA SER B 115 -0.92 0.09 -20.88
C SER B 115 -0.21 0.02 -19.53
N GLU B 116 1.09 -0.22 -19.54
CA GLU B 116 1.84 -0.35 -18.30
C GLU B 116 3.34 -0.09 -18.42
N ILE B 117 3.94 0.39 -17.34
CA ILE B 117 5.37 0.68 -17.30
C ILE B 117 5.98 0.15 -16.00
N VAL B 118 7.21 -0.34 -16.06
CA VAL B 118 7.87 -0.87 -14.88
C VAL B 118 9.29 -0.35 -14.78
N VAL B 119 9.56 0.46 -13.76
CA VAL B 119 10.88 0.99 -13.55
C VAL B 119 11.57 0.20 -12.45
N PRO B 120 12.73 -0.40 -12.77
CA PRO B 120 13.50 -1.20 -11.83
C PRO B 120 14.22 -0.39 -10.76
N MET B 121 14.21 -0.89 -9.54
CA MET B 121 14.89 -0.20 -8.44
C MET B 121 16.15 -1.00 -8.17
N MET B 122 17.31 -0.34 -8.23
CA MET B 122 18.60 -0.99 -8.01
C MET B 122 19.46 -0.29 -6.98
N LYS B 123 20.21 -1.08 -6.22
CA LYS B 123 21.11 -0.53 -5.21
C LYS B 123 22.28 -1.50 -5.06
N ASN B 124 23.49 -1.00 -5.31
CA ASN B 124 24.70 -1.81 -5.21
C ASN B 124 24.64 -3.02 -6.13
N GLY B 125 24.19 -2.80 -7.36
CA GLY B 125 24.09 -3.86 -8.34
C GLY B 125 23.05 -4.91 -8.00
N GLN B 126 22.32 -4.69 -6.91
CA GLN B 126 21.30 -5.64 -6.47
C GLN B 126 19.89 -5.15 -6.79
N LEU B 127 19.03 -6.08 -7.17
CA LEU B 127 17.64 -5.76 -7.50
C LEU B 127 16.83 -5.64 -6.21
N LEU B 128 16.37 -4.44 -5.90
CA LEU B 128 15.56 -4.23 -4.70
C LEU B 128 14.10 -4.54 -5.01
N GLY B 129 13.71 -4.29 -6.25
CA GLY B 129 12.34 -4.55 -6.65
C GLY B 129 11.96 -3.61 -7.78
N VAL B 130 10.67 -3.48 -8.06
CA VAL B 130 10.25 -2.61 -9.14
C VAL B 130 9.02 -1.73 -8.86
N LEU B 131 9.02 -0.53 -9.43
CA LEU B 131 7.91 0.40 -9.33
C LEU B 131 7.09 0.11 -10.57
N ASP B 132 5.80 -0.16 -10.39
CA ASP B 132 4.97 -0.48 -11.54
C ASP B 132 3.71 0.37 -11.59
N LEU B 133 3.28 0.75 -12.79
CA LEU B 133 2.07 1.53 -12.96
C LEU B 133 1.30 1.01 -14.14
N ASP B 134 -0.01 0.92 -13.98
CA ASP B 134 -0.91 0.47 -15.02
C ASP B 134 -1.88 1.61 -15.26
N SER B 135 -2.27 1.82 -16.51
CA SER B 135 -3.21 2.88 -16.82
C SER B 135 -4.47 2.32 -17.47
N SER B 136 -5.56 3.08 -17.38
CA SER B 136 -6.81 2.66 -17.97
C SER B 136 -6.79 2.99 -19.46
N GLU B 137 -5.73 3.66 -19.91
CA GLU B 137 -5.62 4.05 -21.30
C GLU B 137 -4.54 3.31 -22.06
N ILE B 138 -4.79 3.06 -23.35
CA ILE B 138 -3.82 2.37 -24.19
C ILE B 138 -2.71 3.36 -24.51
N GLU B 139 -1.50 2.87 -24.78
CA GLU B 139 -0.38 3.74 -25.09
C GLU B 139 -0.49 5.00 -24.23
N ASP B 140 -0.19 4.86 -22.94
CA ASP B 140 -0.29 6.01 -22.05
C ASP B 140 1.05 6.36 -21.42
N TYR B 141 2.05 5.53 -21.68
CA TYR B 141 3.39 5.74 -21.13
C TYR B 141 4.45 5.83 -22.23
N ASP B 142 5.30 6.85 -22.16
CA ASP B 142 6.36 7.04 -23.15
C ASP B 142 7.67 7.32 -22.44
N ALA B 143 8.66 7.80 -23.18
CA ALA B 143 9.98 8.10 -22.63
C ALA B 143 9.93 9.22 -21.58
N MET B 144 8.94 10.11 -21.66
CA MET B 144 8.86 11.17 -20.67
C MET B 144 8.53 10.52 -19.34
N ASP B 145 7.61 9.56 -19.35
CA ASP B 145 7.24 8.85 -18.14
C ASP B 145 8.44 8.07 -17.63
N ARG B 146 9.23 7.52 -18.54
CA ARG B 146 10.40 6.74 -18.17
C ARG B 146 11.46 7.58 -17.43
N ASP B 147 11.78 8.75 -17.96
CA ASP B 147 12.79 9.57 -17.33
C ASP B 147 12.40 10.10 -15.97
N TYR B 148 11.14 10.51 -15.83
CA TYR B 148 10.69 11.04 -14.55
C TYR B 148 10.46 9.98 -13.49
N LEU B 149 10.04 8.79 -13.90
CA LEU B 149 9.82 7.73 -12.93
C LEU B 149 11.15 7.20 -12.41
N GLU B 150 12.18 7.22 -13.26
CA GLU B 150 13.49 6.75 -12.81
C GLU B 150 14.07 7.77 -11.86
N GLN B 151 13.80 9.04 -12.12
CA GLN B 151 14.31 10.10 -11.25
C GLN B 151 13.54 10.03 -9.93
N PHE B 152 12.29 9.58 -10.01
CA PHE B 152 11.43 9.43 -8.84
C PHE B 152 12.04 8.32 -7.97
N VAL B 153 12.21 7.15 -8.57
CA VAL B 153 12.79 6.00 -7.89
C VAL B 153 14.09 6.41 -7.25
N ALA B 154 14.84 7.26 -7.94
CA ALA B 154 16.13 7.73 -7.45
C ALA B 154 16.00 8.62 -6.22
N ILE B 155 14.98 9.48 -6.18
CA ILE B 155 14.79 10.34 -5.03
C ILE B 155 14.33 9.47 -3.86
N LEU B 156 13.57 8.42 -4.20
CA LEU B 156 13.04 7.46 -3.23
C LEU B 156 14.18 6.73 -2.54
N LEU B 157 15.00 6.03 -3.32
CA LEU B 157 16.12 5.26 -2.77
C LEU B 157 17.14 6.15 -2.05
N GLU B 158 17.39 7.32 -2.62
CA GLU B 158 18.32 8.25 -2.02
C GLU B 158 17.84 8.72 -0.65
N LYS B 159 16.53 8.79 -0.48
CA LYS B 159 15.93 9.24 0.77
C LYS B 159 15.59 8.09 1.74
N THR B 160 15.57 6.87 1.23
CA THR B 160 15.23 5.70 2.03
C THR B 160 16.37 4.76 2.43
N THR B 161 16.40 4.38 3.71
CA THR B 161 17.40 3.43 4.19
C THR B 161 16.69 2.07 4.17
N TRP B 162 17.04 1.24 3.19
CA TRP B 162 16.44 -0.08 3.02
C TRP B 162 16.66 -0.96 4.25
N ASP B 163 15.86 -0.72 5.28
CA ASP B 163 15.98 -1.44 6.52
C ASP B 163 14.60 -1.74 7.11
N PHE B 164 14.31 -3.01 7.32
CA PHE B 164 13.03 -3.45 7.87
C PHE B 164 13.17 -3.90 9.32
N THR B 165 14.39 -3.86 9.84
CA THR B 165 14.70 -4.24 11.21
C THR B 165 13.61 -3.90 12.24
N MET B 166 13.23 -2.64 12.33
CA MET B 166 12.25 -2.19 13.30
C MET B 166 10.89 -2.87 13.34
N PHE B 167 10.56 -3.68 12.35
CA PHE B 167 9.26 -4.34 12.33
C PHE B 167 9.27 -5.84 12.67
N GLU B 168 10.45 -6.38 12.96
CA GLU B 168 10.61 -7.79 13.30
C GLU B 168 10.19 -8.08 14.74
N GLU B 169 10.00 -9.37 15.05
CA GLU B 169 9.61 -9.85 16.39
C GLU B 169 8.10 -9.83 16.65
#